data_6MWE
#
_entry.id   6MWE
#
_cell.length_a   63.810
_cell.length_b   63.810
_cell.length_c   177.450
_cell.angle_alpha   90.000
_cell.angle_beta   90.000
_cell.angle_gamma   90.000
#
_symmetry.space_group_name_H-M   'P 41'
#
loop_
_entity.id
_entity.type
_entity.pdbx_description
1 polymer 'Angiopoietin-1 receptor'
2 non-polymer 'SULFATE ION'
3 non-polymer 4-[4-({[3-tert-butyl-1-(quinolin-6-yl)-1H-pyrazol-5-yl]carbamoyl}amino)-3-fluorophenoxy]-N-methylpyridine-2-carboxamide
4 water water
#
_entity_poly.entity_id   1
_entity_poly.type   'polypeptide(L)'
_entity_poly.pdbx_seq_one_letter_code
;KNNPDPTIYPVLDWNDIKFQDVIGEGNFGQVLKARIKKDGLRMDAAIKRMKEYASKDDHRDFAGELEVLCKLGHHPNIIN
LLGACEHRGYLYLAIEYAPHGNLLDFLRKSRVLETDPAFAIANSTASTLSSQQLLHFAADVARGMDYLSQKQFIHRDLAA
RNILVGENYVAKIADFGLSRGQEVYVKKTMGRLPVRWMAIESLNYSVYTTNSDVWSYGVLLWEIVSLGGTPYCGMTCAEL
YEKLPQGYRLEKPLNCDDEVYDLMRQCWREKPYERPSFAQILVSLNRMLEERKTYVNTTLYEKFTYAGIDCSAEEAA
;
_entity_poly.pdbx_strand_id   A,B
#
loop_
_chem_comp.id
_chem_comp.type
_chem_comp.name
_chem_comp.formula
919 non-polymer 4-[4-({[3-tert-butyl-1-(quinolin-6-yl)-1H-pyrazol-5-yl]carbamoyl}amino)-3-fluorophenoxy]-N-methylpyridine-2-carboxamide 'C30 H28 F N7 O3'
SO4 non-polymer 'SULFATE ION' 'O4 S -2'
#
# COMPACT_ATOMS: atom_id res chain seq x y z
N TYR A 9 29.89 4.30 -12.03
CA TYR A 9 28.55 3.61 -12.17
C TYR A 9 28.63 2.20 -11.57
N PRO A 10 27.56 1.73 -10.92
CA PRO A 10 27.54 0.31 -10.57
C PRO A 10 27.17 -0.53 -11.79
N VAL A 11 27.97 -1.55 -12.09
CA VAL A 11 27.76 -2.40 -13.28
C VAL A 11 27.00 -3.67 -12.90
N LEU A 12 25.98 -3.99 -13.67
CA LEU A 12 25.12 -5.14 -13.40
C LEU A 12 25.42 -6.28 -14.37
N ASP A 13 25.42 -7.51 -13.87
CA ASP A 13 25.54 -8.69 -14.75
C ASP A 13 24.21 -8.94 -15.47
N TRP A 14 24.28 -9.12 -16.79
CA TRP A 14 23.09 -9.45 -17.58
C TRP A 14 22.34 -10.66 -17.02
N ASN A 15 23.09 -11.70 -16.66
CA ASN A 15 22.53 -12.90 -16.04
C ASN A 15 21.91 -12.66 -14.67
N ASP A 16 22.27 -11.54 -14.03
CA ASP A 16 21.70 -11.17 -12.74
C ASP A 16 20.29 -10.54 -12.88
N ILE A 17 19.77 -10.40 -14.10
CA ILE A 17 18.47 -9.75 -14.37
C ILE A 17 17.42 -10.74 -14.88
N LYS A 18 16.26 -10.79 -14.23
CA LYS A 18 15.07 -11.43 -14.80
C LYS A 18 14.03 -10.36 -15.18
N PHE A 19 13.75 -10.24 -16.47
CA PHE A 19 12.78 -9.28 -16.97
C PHE A 19 11.36 -9.77 -16.79
N GLN A 20 10.44 -8.83 -16.58
CA GLN A 20 9.01 -9.13 -16.54
C GLN A 20 8.29 -8.22 -17.53
N ASP A 21 7.18 -7.62 -17.15
CA ASP A 21 6.34 -6.87 -18.09
C ASP A 21 6.91 -5.52 -18.50
N VAL A 22 6.52 -5.07 -19.69
CA VAL A 22 6.73 -3.72 -20.13
C VAL A 22 5.76 -2.83 -19.35
N ILE A 23 6.26 -1.71 -18.83
CA ILE A 23 5.43 -0.79 -18.03
C ILE A 23 5.51 0.65 -18.53
N GLY A 24 5.94 0.80 -19.77
CA GLY A 24 6.13 2.12 -20.36
C GLY A 24 6.83 2.01 -21.68
N GLU A 25 6.42 2.84 -22.64
CA GLU A 25 6.98 2.78 -23.99
C GLU A 25 7.15 4.17 -24.59
N GLY A 26 7.92 4.24 -25.67
CA GLY A 26 8.16 5.51 -26.35
C GLY A 26 8.95 5.33 -27.64
N ASN A 27 8.91 6.34 -28.50
CA ASN A 27 9.73 6.34 -29.71
C ASN A 27 11.22 6.05 -29.41
N PHE A 28 11.68 6.40 -28.22
CA PHE A 28 13.10 6.32 -27.87
C PHE A 28 13.53 5.09 -27.04
N GLY A 29 12.57 4.31 -26.55
CA GLY A 29 12.91 3.13 -25.71
C GLY A 29 11.73 2.59 -24.91
N GLN A 30 11.99 1.54 -24.11
CA GLN A 30 10.95 1.01 -23.23
C GLN A 30 11.43 0.85 -21.79
N VAL A 31 10.47 0.72 -20.88
CA VAL A 31 10.76 0.50 -19.49
C VAL A 31 10.10 -0.82 -19.09
N LEU A 32 10.87 -1.71 -18.48
CA LEU A 32 10.37 -3.03 -18.06
C LEU A 32 10.47 -3.18 -16.57
N LYS A 33 9.47 -3.79 -15.95
CA LYS A 33 9.60 -4.22 -14.57
C LYS A 33 10.56 -5.42 -14.59
N ALA A 34 11.34 -5.57 -13.54
CA ALA A 34 12.32 -6.65 -13.48
C ALA A 34 12.70 -6.98 -12.04
N ARG A 35 13.34 -8.14 -11.87
CA ARG A 35 14.08 -8.46 -10.64
C ARG A 35 15.55 -8.49 -10.96
N ILE A 36 16.36 -7.87 -10.11
CA ILE A 36 17.79 -7.94 -10.25
C ILE A 36 18.42 -8.49 -8.99
N LYS A 37 19.63 -9.03 -9.13
CA LYS A 37 20.47 -9.34 -7.98
C LYS A 37 21.59 -8.34 -7.96
N LYS A 38 21.74 -7.63 -6.85
CA LYS A 38 22.79 -6.61 -6.69
C LYS A 38 23.47 -6.82 -5.35
N ASP A 39 24.80 -6.71 -5.35
CA ASP A 39 25.60 -7.19 -4.24
C ASP A 39 25.09 -8.58 -3.87
N GLY A 40 24.48 -8.72 -2.70
CA GLY A 40 23.94 -10.01 -2.26
C GLY A 40 22.44 -10.13 -2.41
N LEU A 41 21.74 -9.00 -2.48
CA LEU A 41 20.28 -8.97 -2.38
C LEU A 41 19.60 -9.10 -3.74
N ARG A 42 18.44 -9.76 -3.76
CA ARG A 42 17.54 -9.74 -4.91
C ARG A 42 16.47 -8.66 -4.68
N MET A 43 16.15 -7.91 -5.74
CA MET A 43 15.32 -6.70 -5.59
C MET A 43 14.52 -6.36 -6.86
N ASP A 44 13.50 -5.51 -6.69
CA ASP A 44 12.72 -5.00 -7.81
C ASP A 44 13.53 -3.93 -8.53
N ALA A 45 13.24 -3.73 -9.82
CA ALA A 45 13.80 -2.60 -10.55
C ALA A 45 12.92 -2.29 -11.76
N ALA A 46 12.96 -1.04 -12.20
CA ALA A 46 12.41 -0.67 -13.49
C ALA A 46 13.59 -0.45 -14.42
N ILE A 47 13.65 -1.17 -15.54
CA ILE A 47 14.83 -1.10 -16.41
C ILE A 47 14.50 -0.37 -17.69
N LYS A 48 15.20 0.73 -17.94
CA LYS A 48 15.03 1.50 -19.16
C LYS A 48 15.99 0.96 -20.20
N ARG A 49 15.43 0.51 -21.33
CA ARG A 49 16.21 -0.06 -22.43
C ARG A 49 16.19 0.88 -23.64
N MET A 50 17.38 1.21 -24.12
CA MET A 50 17.56 2.20 -25.20
C MET A 50 18.51 1.68 -26.29
N GLY A 64 24.59 10.17 -19.87
CA GLY A 64 23.76 11.36 -19.66
C GLY A 64 22.76 11.15 -18.53
N GLU A 65 21.67 10.44 -18.84
CA GLU A 65 20.71 10.05 -17.81
C GLU A 65 21.45 9.24 -16.71
N LEU A 66 22.41 8.44 -17.16
CA LEU A 66 23.22 7.63 -16.27
C LEU A 66 24.02 8.49 -15.28
N GLU A 67 24.69 9.52 -15.77
CA GLU A 67 25.50 10.41 -14.92
C GLU A 67 24.65 11.17 -13.90
N VAL A 68 23.54 11.71 -14.37
CA VAL A 68 22.63 12.46 -13.51
C VAL A 68 22.10 11.59 -12.36
N LEU A 69 21.64 10.39 -12.69
CA LEU A 69 21.11 9.47 -11.68
C LEU A 69 22.21 8.99 -10.73
N CYS A 70 23.42 8.78 -11.25
CA CYS A 70 24.58 8.44 -10.40
CA CYS A 70 24.59 8.44 -10.41
C CYS A 70 24.96 9.55 -9.41
N LYS A 71 24.80 10.80 -9.81
CA LYS A 71 25.11 11.93 -8.92
C LYS A 71 24.07 12.12 -7.82
N LEU A 72 22.80 12.08 -8.20
CA LEU A 72 21.71 12.54 -7.33
C LEU A 72 20.89 11.44 -6.70
N GLY A 73 20.97 10.24 -7.28
CA GLY A 73 20.01 9.19 -6.98
C GLY A 73 20.04 8.73 -5.53
N HIS A 74 21.21 8.79 -4.90
CA HIS A 74 21.33 8.35 -3.51
C HIS A 74 20.38 9.10 -2.56
N HIS A 75 20.00 10.35 -2.92
CA HIS A 75 19.08 11.08 -2.08
C HIS A 75 17.76 10.30 -2.04
N PRO A 76 17.16 10.17 -0.85
CA PRO A 76 15.99 9.30 -0.76
C PRO A 76 14.75 9.89 -1.44
N ASN A 77 14.77 11.20 -1.76
CA ASN A 77 13.66 11.80 -2.49
C ASN A 77 13.95 12.01 -4.00
N ILE A 78 15.03 11.37 -4.47
CA ILE A 78 15.39 11.36 -5.92
C ILE A 78 15.49 9.91 -6.37
N ILE A 79 14.83 9.57 -7.48
CA ILE A 79 14.78 8.17 -7.91
C ILE A 79 16.22 7.72 -8.19
N ASN A 80 16.58 6.53 -7.74
CA ASN A 80 17.96 6.10 -7.73
C ASN A 80 18.34 5.17 -8.89
N LEU A 81 19.62 5.23 -9.27
CA LEU A 81 20.22 4.26 -10.17
C LEU A 81 20.70 3.07 -9.35
N LEU A 82 20.23 1.87 -9.70
CA LEU A 82 20.69 0.64 -9.05
C LEU A 82 21.87 0.07 -9.80
N GLY A 83 21.87 0.23 -11.13
CA GLY A 83 22.95 -0.28 -11.94
C GLY A 83 22.73 -0.07 -13.44
N ALA A 84 23.78 -0.33 -14.22
CA ALA A 84 23.70 -0.23 -15.67
C ALA A 84 24.37 -1.42 -16.35
N CYS A 85 24.06 -1.59 -17.62
CA CYS A 85 24.39 -2.81 -18.33
C CYS A 85 24.28 -2.57 -19.83
N GLU A 86 25.37 -2.82 -20.55
CA GLU A 86 25.35 -2.85 -21.99
C GLU A 86 25.28 -4.31 -22.38
N HIS A 87 24.31 -4.66 -23.21
CA HIS A 87 24.18 -6.02 -23.67
C HIS A 87 23.78 -5.98 -25.13
N ARG A 88 24.53 -6.70 -25.97
CA ARG A 88 24.43 -6.54 -27.41
C ARG A 88 24.57 -5.06 -27.73
N GLY A 89 23.64 -4.50 -28.51
CA GLY A 89 23.71 -3.08 -28.87
C GLY A 89 23.23 -2.13 -27.79
N TYR A 90 22.42 -2.65 -26.86
CA TYR A 90 21.54 -1.80 -26.03
C TYR A 90 22.14 -1.46 -24.66
N LEU A 91 21.84 -0.24 -24.19
CA LEU A 91 22.14 0.18 -22.81
C LEU A 91 20.90 0.01 -21.93
N TYR A 92 21.09 -0.62 -20.78
CA TYR A 92 20.04 -0.89 -19.83
C TYR A 92 20.31 -0.15 -18.54
N LEU A 93 19.41 0.75 -18.15
CA LEU A 93 19.54 1.43 -16.87
C LEU A 93 18.54 0.81 -15.89
N ALA A 94 19.05 0.22 -14.81
CA ALA A 94 18.20 -0.33 -13.76
C ALA A 94 17.90 0.75 -12.75
N ILE A 95 16.61 1.08 -12.62
CA ILE A 95 16.16 2.23 -11.82
C ILE A 95 15.39 1.68 -10.63
N GLU A 96 15.52 2.34 -9.50
CA GLU A 96 14.81 2.03 -8.30
C GLU A 96 13.35 1.86 -8.63
N TYR A 97 12.75 0.74 -8.20
CA TYR A 97 11.34 0.50 -8.47
C TYR A 97 10.46 1.24 -7.43
N ALA A 98 9.42 1.92 -7.89
CA ALA A 98 8.51 2.64 -6.99
C ALA A 98 7.17 1.91 -7.06
N PRO A 99 6.86 1.06 -6.04
CA PRO A 99 5.69 0.17 -6.21
C PRO A 99 4.36 0.87 -6.39
N HIS A 100 4.22 2.09 -5.88
CA HIS A 100 2.93 2.76 -5.91
C HIS A 100 2.73 3.66 -7.14
N GLY A 101 3.72 3.71 -8.04
CA GLY A 101 3.54 4.45 -9.32
C GLY A 101 3.63 5.95 -9.15
N ASN A 102 3.18 6.70 -10.16
CA ASN A 102 3.37 8.15 -10.15
C ASN A 102 2.35 8.82 -9.22
N LEU A 103 2.75 9.92 -8.62
CA LEU A 103 1.97 10.59 -7.58
C LEU A 103 0.66 11.12 -8.10
N LEU A 104 0.61 11.55 -9.36
CA LEU A 104 -0.68 12.06 -9.88
C LEU A 104 -1.73 10.97 -9.88
N ASP A 105 -1.40 9.81 -10.44
CA ASP A 105 -2.33 8.69 -10.45
C ASP A 105 -2.68 8.20 -9.06
N PHE A 106 -1.69 8.19 -8.19
CA PHE A 106 -1.90 7.84 -6.79
C PHE A 106 -2.85 8.80 -6.10
N LEU A 107 -2.66 10.11 -6.30
CA LEU A 107 -3.59 11.08 -5.75
C LEU A 107 -5.02 10.86 -6.25
N ARG A 108 -5.16 10.61 -7.55
CA ARG A 108 -6.48 10.45 -8.16
C ARG A 108 -7.16 9.16 -7.70
N LYS A 109 -6.36 8.10 -7.53
CA LYS A 109 -6.86 6.84 -6.97
C LYS A 109 -7.36 7.02 -5.52
N SER A 110 -6.87 8.04 -4.81
CA SER A 110 -7.31 8.29 -3.45
C SER A 110 -8.70 8.92 -3.38
N ARG A 111 -9.23 9.40 -4.51
CA ARG A 111 -10.53 10.07 -4.59
C ARG A 111 -11.61 9.03 -4.38
N VAL A 112 -11.75 8.66 -3.13
CA VAL A 112 -12.50 7.49 -2.79
C VAL A 112 -13.98 7.72 -3.05
N LEU A 113 -14.44 8.96 -3.10
CA LEU A 113 -15.83 9.19 -3.46
C LEU A 113 -16.11 8.75 -4.90
N GLU A 114 -15.09 8.87 -5.75
CA GLU A 114 -15.17 8.30 -7.11
C GLU A 114 -14.90 6.78 -7.10
N THR A 115 -13.79 6.37 -6.50
CA THR A 115 -13.30 5.00 -6.67
C THR A 115 -13.87 3.97 -5.69
N ASP A 116 -14.39 4.41 -4.55
CA ASP A 116 -15.09 3.48 -3.65
C ASP A 116 -16.17 4.21 -2.81
N PRO A 117 -17.26 4.60 -3.46
CA PRO A 117 -18.21 5.52 -2.86
C PRO A 117 -18.80 4.97 -1.55
N ALA A 118 -19.00 3.66 -1.45
CA ALA A 118 -19.58 3.05 -0.23
C ALA A 118 -18.67 3.26 0.97
N PHE A 119 -17.34 3.15 0.76
CA PHE A 119 -16.36 3.46 1.79
C PHE A 119 -16.35 4.97 2.09
N ALA A 120 -16.39 5.78 1.04
CA ALA A 120 -16.23 7.24 1.20
C ALA A 120 -17.40 7.80 2.01
N ILE A 121 -18.61 7.43 1.60
CA ILE A 121 -19.81 7.92 2.27
C ILE A 121 -19.87 7.41 3.68
N ALA A 122 -19.70 6.08 3.86
CA ALA A 122 -19.69 5.48 5.19
C ALA A 122 -18.73 6.17 6.17
N ASN A 123 -17.57 6.57 5.68
CA ASN A 123 -16.57 7.19 6.53
C ASN A 123 -16.53 8.72 6.38
N SER A 124 -17.53 9.29 5.69
CA SER A 124 -17.58 10.73 5.51
C SER A 124 -16.24 11.29 5.04
N THR A 125 -15.61 10.63 4.08
CA THR A 125 -14.28 11.03 3.65
C THR A 125 -14.15 11.11 2.14
N ALA A 126 -13.44 12.14 1.70
CA ALA A 126 -13.17 12.36 0.27
C ALA A 126 -11.85 11.74 -0.20
N SER A 127 -11.02 11.31 0.74
CA SER A 127 -9.73 10.70 0.40
C SER A 127 -9.28 9.60 1.38
N THR A 128 -8.60 8.59 0.83
CA THR A 128 -7.89 7.62 1.65
C THR A 128 -6.57 8.15 2.15
N LEU A 129 -6.16 9.32 1.66
CA LEU A 129 -4.94 9.96 2.17
C LEU A 129 -5.29 11.03 3.22
N SER A 130 -4.53 11.05 4.31
CA SER A 130 -4.72 12.07 5.34
C SER A 130 -4.01 13.37 5.00
N SER A 131 -4.44 14.45 5.65
CA SER A 131 -3.77 15.73 5.58
C SER A 131 -2.26 15.56 5.79
N GLN A 132 -1.86 14.79 6.81
CA GLN A 132 -0.40 14.61 7.10
C GLN A 132 0.32 13.88 5.99
N GLN A 133 -0.33 12.88 5.41
CA GLN A 133 0.34 12.14 4.33
C GLN A 133 0.56 13.04 3.10
N LEU A 134 -0.44 13.87 2.79
CA LEU A 134 -0.36 14.81 1.69
C LEU A 134 0.79 15.84 1.91
N LEU A 135 0.90 16.35 3.12
CA LEU A 135 1.97 17.25 3.49
C LEU A 135 3.33 16.56 3.49
N HIS A 136 3.39 15.30 3.92
CA HIS A 136 4.63 14.54 3.81
C HIS A 136 5.07 14.37 2.38
N PHE A 137 4.15 14.11 1.44
CA PHE A 137 4.53 14.06 0.02
C PHE A 137 5.13 15.41 -0.41
N ALA A 138 4.46 16.51 -0.05
CA ALA A 138 4.95 17.86 -0.44
C ALA A 138 6.34 18.12 0.13
N ALA A 139 6.55 17.66 1.38
CA ALA A 139 7.83 17.87 2.06
C ALA A 139 8.93 17.05 1.39
N ASP A 140 8.58 15.83 0.98
CA ASP A 140 9.53 14.93 0.30
C ASP A 140 10.04 15.57 -0.99
N VAL A 141 9.12 16.13 -1.75
CA VAL A 141 9.49 16.72 -3.04
C VAL A 141 10.38 17.94 -2.80
N ALA A 142 9.97 18.77 -1.84
CA ALA A 142 10.78 19.91 -1.45
C ALA A 142 12.22 19.54 -1.02
N ARG A 143 12.35 18.53 -0.17
CA ARG A 143 13.62 18.06 0.30
C ARG A 143 14.52 17.65 -0.88
N GLY A 144 13.96 16.83 -1.76
CA GLY A 144 14.66 16.44 -2.98
C GLY A 144 15.06 17.60 -3.87
N MET A 145 14.15 18.57 -4.03
CA MET A 145 14.45 19.72 -4.88
C MET A 145 15.49 20.62 -4.27
N ASP A 146 15.53 20.69 -2.94
CA ASP A 146 16.55 21.44 -2.27
C ASP A 146 17.94 20.87 -2.63
N TYR A 147 18.09 19.56 -2.51
CA TYR A 147 19.35 18.93 -2.78
C TYR A 147 19.73 19.08 -4.27
N LEU A 148 18.80 18.80 -5.15
CA LEU A 148 19.01 18.92 -6.55
C LEU A 148 19.40 20.36 -6.93
N SER A 149 18.73 21.37 -6.38
CA SER A 149 19.05 22.74 -6.72
C SER A 149 20.42 23.14 -6.16
N GLN A 150 20.81 22.57 -5.01
CA GLN A 150 22.14 22.84 -4.48
C GLN A 150 23.23 22.24 -5.35
N LYS A 151 22.92 21.12 -5.97
CA LYS A 151 23.85 20.47 -6.87
C LYS A 151 23.87 21.14 -8.25
N GLN A 152 23.15 22.28 -8.41
CA GLN A 152 23.13 23.09 -9.62
C GLN A 152 22.32 22.49 -10.74
N PHE A 153 21.34 21.62 -10.43
CA PHE A 153 20.46 21.08 -11.46
C PHE A 153 19.21 21.94 -11.51
N ILE A 154 18.62 22.08 -12.69
CA ILE A 154 17.33 22.71 -12.90
C ILE A 154 16.41 21.64 -13.52
N HIS A 155 15.29 21.36 -12.87
CA HIS A 155 14.45 20.26 -13.31
C HIS A 155 13.73 20.57 -14.64
N ARG A 156 13.00 21.69 -14.69
CA ARG A 156 12.31 22.21 -15.90
C ARG A 156 10.95 21.57 -16.22
N ASP A 157 10.60 20.49 -15.54
CA ASP A 157 9.30 19.86 -15.76
C ASP A 157 8.79 19.20 -14.46
N LEU A 158 8.83 19.98 -13.37
CA LEU A 158 8.36 19.46 -12.08
C LEU A 158 6.84 19.48 -12.10
N ALA A 159 6.24 18.35 -11.75
CA ALA A 159 4.77 18.18 -11.73
C ALA A 159 4.52 16.83 -11.09
N ALA A 160 3.32 16.58 -10.56
CA ALA A 160 3.04 15.33 -9.87
C ALA A 160 3.20 14.09 -10.73
N ARG A 161 2.96 14.21 -12.05
CA ARG A 161 3.17 13.11 -12.98
C ARG A 161 4.63 12.63 -13.04
N ASN A 162 5.59 13.53 -12.67
CA ASN A 162 7.00 13.16 -12.61
C ASN A 162 7.53 12.86 -11.21
N ILE A 163 6.63 12.69 -10.24
CA ILE A 163 6.98 12.20 -8.90
C ILE A 163 6.53 10.75 -8.79
N LEU A 164 7.39 9.92 -8.21
CA LEU A 164 7.09 8.52 -7.95
C LEU A 164 6.83 8.31 -6.45
N VAL A 165 5.86 7.48 -6.13
CA VAL A 165 5.58 7.07 -4.75
C VAL A 165 6.26 5.73 -4.49
N GLY A 166 7.39 5.79 -3.77
CA GLY A 166 8.25 4.62 -3.61
C GLY A 166 7.95 3.74 -2.41
N GLU A 167 8.88 2.84 -2.12
CA GLU A 167 8.80 2.00 -0.95
C GLU A 167 8.60 2.89 0.28
N ASN A 168 7.74 2.45 1.16
CA ASN A 168 7.33 3.17 2.35
C ASN A 168 6.69 4.54 2.07
N TYR A 169 6.10 4.70 0.89
CA TYR A 169 5.36 5.93 0.52
C TYR A 169 6.24 7.18 0.52
N VAL A 170 7.55 6.96 0.35
CA VAL A 170 8.49 8.03 0.16
C VAL A 170 8.42 8.55 -1.29
N ALA A 171 8.19 9.85 -1.46
CA ALA A 171 8.12 10.46 -2.76
C ALA A 171 9.49 10.66 -3.38
N LYS A 172 9.59 10.32 -4.66
CA LYS A 172 10.87 10.37 -5.40
C LYS A 172 10.72 11.21 -6.64
N ILE A 173 11.62 12.18 -6.80
CA ILE A 173 11.60 13.03 -7.98
C ILE A 173 12.15 12.24 -9.18
N ALA A 174 11.48 12.35 -10.32
CA ALA A 174 11.90 11.64 -11.52
C ALA A 174 11.72 12.52 -12.75
N ASP A 175 12.07 12.00 -13.91
CA ASP A 175 11.88 12.72 -15.19
C ASP A 175 11.80 11.67 -16.27
N PHE A 176 10.70 11.68 -17.00
CA PHE A 176 10.36 10.57 -17.89
C PHE A 176 10.72 10.94 -19.34
N GLY A 177 11.46 12.04 -19.49
CA GLY A 177 12.10 12.37 -20.75
C GLY A 177 11.31 13.25 -21.70
N LEU A 178 10.12 13.66 -21.31
CA LEU A 178 9.26 14.45 -22.21
C LEU A 178 9.97 15.75 -22.62
N SER A 179 10.54 16.43 -21.65
CA SER A 179 11.20 17.72 -21.89
C SER A 179 12.36 17.63 -22.90
N ARG A 180 12.84 16.42 -23.15
CA ARG A 180 13.91 16.17 -24.10
C ARG A 180 13.39 15.49 -25.39
N GLY A 181 12.08 15.53 -25.60
CA GLY A 181 11.49 14.89 -26.78
C GLY A 181 11.58 13.38 -26.74
N GLN A 182 11.77 12.81 -25.54
CA GLN A 182 12.11 11.40 -25.44
C GLN A 182 11.26 10.68 -24.42
N GLU A 183 9.95 10.99 -24.38
CA GLU A 183 9.08 10.50 -23.33
C GLU A 183 8.92 8.98 -23.33
N VAL A 184 8.96 8.40 -22.13
CA VAL A 184 8.47 7.02 -21.87
C VAL A 184 7.14 6.97 -21.06
N TYR A 185 6.15 6.25 -21.61
CA TYR A 185 4.74 6.33 -21.16
C TYR A 185 4.08 7.58 -21.73
N LYS A 188 1.24 8.92 -22.89
CA LYS A 188 1.57 9.81 -24.04
C LYS A 188 1.05 11.24 -23.78
N THR A 189 1.89 12.09 -23.20
CA THR A 189 1.41 13.39 -22.70
C THR A 189 1.09 14.37 -23.84
N MET A 190 -0.06 15.05 -23.76
CA MET A 190 -0.36 16.15 -24.69
C MET A 190 0.80 17.18 -24.62
N GLY A 191 1.31 17.58 -25.78
CA GLY A 191 2.55 18.40 -25.86
C GLY A 191 2.50 19.72 -25.12
N ARG A 192 1.30 20.31 -25.00
CA ARG A 192 1.18 21.65 -24.40
C ARG A 192 0.93 21.56 -22.90
N LEU A 193 0.75 20.35 -22.37
CA LEU A 193 0.34 20.18 -20.96
C LEU A 193 1.29 20.83 -19.97
N PRO A 194 2.63 20.72 -20.18
CA PRO A 194 3.59 21.35 -19.25
C PRO A 194 3.43 22.86 -19.11
N VAL A 195 2.81 23.51 -20.10
CA VAL A 195 2.55 24.97 -19.98
C VAL A 195 1.91 25.34 -18.61
N ARG A 196 1.07 24.45 -18.09
CA ARG A 196 0.30 24.74 -16.87
C ARG A 196 1.15 24.76 -15.62
N TRP A 197 2.41 24.29 -15.73
CA TRP A 197 3.34 24.33 -14.58
C TRP A 197 4.44 25.34 -14.80
N MET A 198 4.43 26.02 -15.94
CA MET A 198 5.54 26.92 -16.30
C MET A 198 5.42 28.29 -15.59
N ALA A 199 6.52 28.74 -14.99
CA ALA A 199 6.61 30.11 -14.47
C ALA A 199 6.39 31.08 -15.60
N ILE A 200 5.91 32.28 -15.27
CA ILE A 200 5.64 33.31 -16.27
C ILE A 200 6.87 33.62 -17.12
N GLU A 201 8.04 33.71 -16.48
CA GLU A 201 9.27 33.99 -17.18
C GLU A 201 9.71 32.86 -18.11
N SER A 202 9.27 31.64 -17.81
CA SER A 202 9.47 30.55 -18.76
C SER A 202 8.50 30.68 -19.96
N LEU A 203 7.25 30.98 -19.68
CA LEU A 203 6.25 31.21 -20.73
C LEU A 203 6.59 32.29 -21.71
N ASN A 204 7.05 33.41 -21.18
CA ASN A 204 7.21 34.61 -21.96
C ASN A 204 8.61 34.85 -22.45
N TYR A 205 9.60 34.29 -21.77
CA TYR A 205 11.02 34.47 -22.18
C TYR A 205 11.82 33.22 -22.25
N SER A 206 11.17 32.06 -22.07
CA SER A 206 11.88 30.80 -22.09
C SER A 206 13.05 30.76 -21.11
N VAL A 207 12.90 31.46 -19.99
CA VAL A 207 13.86 31.42 -18.85
C VAL A 207 13.53 30.26 -17.87
N TYR A 208 14.52 29.38 -17.59
CA TYR A 208 14.38 28.30 -16.57
C TYR A 208 15.48 28.42 -15.53
N THR A 209 15.10 28.52 -14.27
CA THR A 209 16.03 28.65 -13.18
C THR A 209 15.50 27.83 -12.00
N THR A 210 16.24 27.80 -10.91
CA THR A 210 15.70 27.23 -9.67
C THR A 210 14.44 27.94 -9.27
N ASN A 211 14.40 29.26 -9.47
CA ASN A 211 13.21 30.03 -9.10
C ASN A 211 11.99 29.65 -9.95
N SER A 212 12.19 29.34 -11.23
CA SER A 212 11.05 28.87 -12.03
C SER A 212 10.63 27.48 -11.61
N ASP A 213 11.59 26.64 -11.18
CA ASP A 213 11.24 25.32 -10.63
C ASP A 213 10.37 25.49 -9.38
N VAL A 214 10.61 26.53 -8.58
CA VAL A 214 9.78 26.81 -7.40
C VAL A 214 8.32 27.11 -7.77
N TRP A 215 8.13 27.81 -8.89
CA TRP A 215 6.80 28.09 -9.37
C TRP A 215 6.10 26.82 -9.71
N SER A 216 6.76 25.97 -10.49
CA SER A 216 6.20 24.67 -10.83
C SER A 216 5.87 23.84 -9.57
N TYR A 217 6.77 23.87 -8.60
CA TYR A 217 6.54 23.24 -7.30
C TYR A 217 5.22 23.68 -6.66
N GLY A 218 4.96 24.98 -6.68
CA GLY A 218 3.67 25.49 -6.18
C GLY A 218 2.49 24.88 -6.86
N VAL A 219 2.60 24.71 -8.20
CA VAL A 219 1.53 24.09 -8.92
C VAL A 219 1.42 22.59 -8.45
N LEU A 220 2.55 21.94 -8.27
CA LEU A 220 2.55 20.57 -7.75
C LEU A 220 1.89 20.50 -6.36
N LEU A 221 2.17 21.47 -5.50
CA LEU A 221 1.53 21.49 -4.17
C LEU A 221 0.02 21.65 -4.31
N TRP A 222 -0.39 22.47 -5.26
CA TRP A 222 -1.76 22.60 -5.57
C TRP A 222 -2.34 21.25 -6.07
N GLU A 223 -1.56 20.51 -6.85
CA GLU A 223 -2.01 19.19 -7.31
C GLU A 223 -2.25 18.26 -6.10
N ILE A 224 -1.32 18.27 -5.18
CA ILE A 224 -1.39 17.43 -4.01
C ILE A 224 -2.62 17.76 -3.21
N VAL A 225 -2.83 19.04 -2.90
CA VAL A 225 -3.97 19.46 -2.05
C VAL A 225 -5.33 19.18 -2.72
N SER A 226 -5.39 19.35 -4.05
CA SER A 226 -6.61 19.10 -4.83
C SER A 226 -6.81 17.63 -5.22
N LEU A 227 -5.92 16.75 -4.77
CA LEU A 227 -5.98 15.33 -5.06
C LEU A 227 -5.92 15.08 -6.57
N GLY A 228 -5.07 15.84 -7.25
CA GLY A 228 -4.79 15.57 -8.65
C GLY A 228 -5.70 16.30 -9.60
N GLY A 229 -6.18 17.47 -9.22
CA GLY A 229 -6.91 18.27 -10.20
C GLY A 229 -6.02 18.72 -11.35
N THR A 230 -6.59 18.91 -12.56
CA THR A 230 -5.88 19.55 -13.65
C THR A 230 -5.75 21.03 -13.33
N PRO A 231 -4.51 21.55 -13.29
CA PRO A 231 -4.40 22.98 -13.03
C PRO A 231 -5.11 23.83 -14.08
N TYR A 232 -5.90 24.79 -13.63
CA TYR A 232 -6.66 25.70 -14.53
C TYR A 232 -7.62 24.95 -15.42
N CYS A 233 -8.21 23.87 -14.89
CA CYS A 233 -9.18 23.05 -15.59
C CYS A 233 -10.23 23.94 -16.25
N GLY A 234 -10.50 23.73 -17.53
CA GLY A 234 -11.48 24.58 -18.23
C GLY A 234 -10.89 25.82 -18.89
N MET A 235 -9.62 26.09 -18.65
CA MET A 235 -8.91 27.18 -19.34
C MET A 235 -7.91 26.65 -20.37
N THR A 236 -7.73 27.40 -21.46
CA THR A 236 -6.75 27.02 -22.45
C THR A 236 -5.38 27.54 -22.02
N CYS A 237 -4.36 26.97 -22.61
CA CYS A 237 -3.00 27.44 -22.38
C CYS A 237 -2.82 28.91 -22.78
N ALA A 238 -3.37 29.29 -23.94
CA ALA A 238 -3.40 30.66 -24.41
C ALA A 238 -3.89 31.63 -23.32
N GLU A 239 -4.93 31.25 -22.60
CA GLU A 239 -5.50 32.11 -21.53
C GLU A 239 -4.53 32.36 -20.38
N LEU A 240 -3.67 31.39 -20.12
CA LEU A 240 -2.58 31.52 -19.13
C LEU A 240 -1.59 32.61 -19.49
N TYR A 241 -1.24 32.69 -20.78
CA TYR A 241 -0.28 33.67 -21.22
C TYR A 241 -0.81 35.08 -20.96
N GLU A 242 -2.09 35.27 -21.20
CA GLU A 242 -2.72 36.57 -21.02
C GLU A 242 -3.00 36.90 -19.54
N LYS A 243 -3.47 35.92 -18.79
CA LYS A 243 -3.97 36.19 -17.42
C LYS A 243 -2.93 36.11 -16.30
N LEU A 244 -1.96 35.20 -16.42
CA LEU A 244 -0.93 35.11 -15.39
C LEU A 244 -0.17 36.43 -15.15
N PRO A 245 0.28 37.13 -16.21
CA PRO A 245 0.92 38.46 -16.02
C PRO A 245 -0.02 39.55 -15.48
N GLN A 246 -1.33 39.34 -15.58
CA GLN A 246 -2.31 40.23 -14.95
C GLN A 246 -2.52 39.93 -13.47
N GLY A 247 -1.82 38.93 -12.94
CA GLY A 247 -1.94 38.57 -11.52
C GLY A 247 -2.91 37.44 -11.24
N TYR A 248 -3.47 36.81 -12.29
CA TYR A 248 -4.34 35.67 -12.08
C TYR A 248 -3.52 34.50 -11.52
N ARG A 249 -4.08 33.81 -10.53
CA ARG A 249 -3.46 32.61 -9.95
C ARG A 249 -4.52 31.55 -9.65
N LEU A 250 -4.09 30.30 -9.50
CA LEU A 250 -4.97 29.22 -9.08
C LEU A 250 -5.69 29.64 -7.79
N GLU A 251 -7.01 29.38 -7.77
CA GLU A 251 -7.83 29.70 -6.63
C GLU A 251 -7.51 28.73 -5.50
N LYS A 252 -7.73 29.18 -4.28
CA LYS A 252 -7.58 28.33 -3.11
C LYS A 252 -8.59 27.21 -3.16
N PRO A 253 -8.12 25.96 -3.09
CA PRO A 253 -9.08 24.88 -2.95
C PRO A 253 -9.91 25.05 -1.67
N LEU A 254 -11.18 24.68 -1.73
CA LEU A 254 -12.08 24.83 -0.59
C LEU A 254 -11.60 24.02 0.61
N ASN A 255 -11.01 22.86 0.32
CA ASN A 255 -10.43 21.98 1.36
C ASN A 255 -9.05 22.41 1.95
N CYS A 256 -8.57 23.62 1.61
CA CYS A 256 -7.20 24.03 1.91
C CYS A 256 -7.15 25.13 3.00
N ASP A 257 -6.36 24.93 4.05
CA ASP A 257 -6.04 26.00 5.02
C ASP A 257 -5.35 27.19 4.32
N ASP A 258 -5.69 28.43 4.74
CA ASP A 258 -4.97 29.64 4.30
C ASP A 258 -3.45 29.54 4.30
N GLU A 259 -2.85 28.95 5.32
CA GLU A 259 -1.40 28.80 5.41
C GLU A 259 -0.81 28.00 4.24
N VAL A 260 -1.49 26.94 3.83
CA VAL A 260 -0.98 26.14 2.72
C VAL A 260 -1.14 26.91 1.44
N TYR A 261 -2.28 27.53 1.23
CA TYR A 261 -2.48 28.36 0.04
C TYR A 261 -1.51 29.53 -0.01
N ASP A 262 -1.26 30.15 1.14
CA ASP A 262 -0.23 31.23 1.22
C ASP A 262 1.15 30.75 0.74
N LEU A 263 1.53 29.53 1.13
CA LEU A 263 2.75 28.96 0.65
C LEU A 263 2.76 28.82 -0.90
N MET A 264 1.66 28.31 -1.47
CA MET A 264 1.52 28.23 -2.92
C MET A 264 1.68 29.58 -3.56
N ARG A 265 0.98 30.58 -3.04
CA ARG A 265 0.99 31.92 -3.59
C ARG A 265 2.41 32.51 -3.54
N GLN A 266 3.19 32.20 -2.49
CA GLN A 266 4.61 32.61 -2.41
C GLN A 266 5.43 32.04 -3.61
N CYS A 267 5.17 30.78 -3.93
CA CYS A 267 5.80 30.10 -5.04
C CYS A 267 5.50 30.76 -6.39
N TRP A 268 4.38 31.45 -6.48
CA TRP A 268 3.97 32.06 -7.72
C TRP A 268 4.06 33.59 -7.72
N ARG A 269 4.93 34.16 -6.90
CA ARG A 269 5.22 35.57 -7.01
C ARG A 269 5.83 35.88 -8.38
N GLU A 270 5.37 36.98 -8.96
CA GLU A 270 5.79 37.43 -10.30
C GLU A 270 7.29 37.56 -10.33
N LYS A 271 7.86 38.18 -9.30
CA LYS A 271 9.30 38.38 -9.23
C LYS A 271 9.98 37.11 -8.77
N PRO A 272 10.83 36.53 -9.64
CA PRO A 272 11.37 35.23 -9.35
C PRO A 272 12.19 35.23 -8.08
N TYR A 273 12.93 36.32 -7.88
CA TYR A 273 13.81 36.49 -6.75
C TYR A 273 13.09 36.70 -5.42
N GLU A 274 11.76 36.78 -5.43
CA GLU A 274 11.00 36.89 -4.19
C GLU A 274 10.35 35.57 -3.79
N ARG A 275 10.56 34.51 -4.61
CA ARG A 275 10.01 33.21 -4.30
C ARG A 275 10.88 32.57 -3.23
N PRO A 276 10.29 31.71 -2.43
CA PRO A 276 11.08 31.09 -1.40
C PRO A 276 12.03 30.07 -2.02
N SER A 277 13.10 29.73 -1.30
CA SER A 277 13.96 28.63 -1.73
C SER A 277 13.27 27.31 -1.38
N PHE A 278 13.74 26.20 -1.93
CA PHE A 278 13.19 24.88 -1.54
C PHE A 278 13.44 24.59 -0.05
N ALA A 279 14.60 25.02 0.49
CA ALA A 279 14.88 24.88 1.92
C ALA A 279 13.80 25.59 2.73
N GLN A 280 13.44 26.81 2.36
CA GLN A 280 12.41 27.54 3.13
C GLN A 280 11.01 26.89 2.97
N ILE A 281 10.71 26.35 1.80
CA ILE A 281 9.46 25.61 1.58
C ILE A 281 9.40 24.45 2.58
N LEU A 282 10.48 23.68 2.64
CA LEU A 282 10.57 22.50 3.50
C LEU A 282 10.40 22.88 5.00
N VAL A 283 11.01 23.96 5.41
CA VAL A 283 10.83 24.48 6.77
C VAL A 283 9.38 24.85 7.06
N SER A 284 8.69 25.52 6.12
CA SER A 284 7.25 25.83 6.34
C SER A 284 6.43 24.57 6.47
N LEU A 285 6.67 23.61 5.56
CA LEU A 285 5.91 22.35 5.59
C LEU A 285 6.15 21.56 6.86
N ASN A 286 7.41 21.48 7.30
CA ASN A 286 7.71 20.79 8.56
C ASN A 286 7.06 21.46 9.76
N ARG A 287 7.01 22.80 9.78
CA ARG A 287 6.29 23.54 10.84
C ARG A 287 4.78 23.19 10.82
N MET A 288 4.20 23.07 9.64
CA MET A 288 2.79 22.62 9.52
C MET A 288 2.62 21.17 9.96
N LEU A 289 3.56 20.32 9.56
CA LEU A 289 3.52 18.88 9.93
C LEU A 289 3.59 18.66 11.43
N GLU A 290 4.39 19.49 12.10
CA GLU A 290 4.60 19.43 13.56
C GLU A 290 3.42 19.90 14.43
N GLU A 291 2.65 20.87 13.97
CA GLU A 291 1.45 21.31 14.70
C GLU A 291 0.40 20.20 14.80
N ARG A 292 -0.49 20.30 15.80
CA ARG A 292 -1.61 19.36 15.96
C ARG A 292 -2.73 19.57 14.92
N LYS A 293 -2.86 20.82 14.48
CA LYS A 293 -3.90 21.25 13.51
C LYS A 293 -3.91 20.56 12.11
N THR A 294 -5.10 20.41 11.51
CA THR A 294 -5.30 19.75 10.21
C THR A 294 -5.37 20.81 9.09
N TYR A 295 -4.53 20.66 8.06
CA TYR A 295 -4.34 21.72 7.06
C TYR A 295 -5.15 21.47 5.78
N VAL A 296 -5.34 20.20 5.43
CA VAL A 296 -6.12 19.81 4.25
C VAL A 296 -7.36 19.07 4.77
N ASN A 297 -8.53 19.61 4.48
CA ASN A 297 -9.81 19.01 4.92
C ASN A 297 -10.16 17.91 3.94
N THR A 298 -10.24 16.68 4.42
CA THR A 298 -10.58 15.54 3.55
C THR A 298 -11.97 15.03 3.88
N THR A 299 -12.76 15.82 4.58
CA THR A 299 -14.10 15.40 5.02
C THR A 299 -15.11 15.60 3.87
N LEU A 300 -16.11 14.72 3.79
CA LEU A 300 -17.23 14.95 2.86
C LEU A 300 -18.24 15.88 3.52
N TYR A 301 -18.97 16.63 2.71
CA TYR A 301 -20.11 17.43 3.17
C TYR A 301 -21.04 17.65 1.97
N GLU A 302 -22.25 18.13 2.21
CA GLU A 302 -23.23 18.29 1.14
C GLU A 302 -22.69 19.27 0.06
N LYS A 303 -22.92 18.94 -1.20
CA LYS A 303 -22.39 19.77 -2.31
C LYS A 303 -20.87 19.71 -2.47
N PHE A 304 -20.18 18.81 -1.76
CA PHE A 304 -18.73 18.62 -1.97
C PHE A 304 -18.46 18.28 -3.43
N THR A 305 -17.38 18.81 -3.98
CA THR A 305 -16.94 18.45 -5.33
C THR A 305 -15.39 18.40 -5.35
N TYR A 306 -14.84 17.46 -6.13
CA TYR A 306 -13.40 17.43 -6.40
C TYR A 306 -13.05 18.50 -7.42
N ALA A 307 -11.84 19.02 -7.34
CA ALA A 307 -11.27 19.79 -8.45
C ALA A 307 -11.33 18.92 -9.72
N GLY A 308 -11.74 19.53 -10.82
CA GLY A 308 -11.94 18.80 -12.04
C GLY A 308 -10.65 18.32 -12.68
N ILE A 309 -10.77 17.21 -13.39
CA ILE A 309 -9.73 16.66 -14.23
C ILE A 309 -10.18 16.83 -15.68
N ASP A 310 -9.34 17.40 -16.54
CA ASP A 310 -9.67 17.49 -17.96
C ASP A 310 -8.75 16.58 -18.74
N CYS A 311 -9.24 15.37 -19.06
CA CYS A 311 -8.40 14.33 -19.67
C CYS A 311 -7.93 14.75 -21.06
N SER A 312 -8.70 15.61 -21.72
CA SER A 312 -8.36 16.07 -23.06
C SER A 312 -7.21 17.08 -23.05
N ALA A 313 -7.05 17.81 -21.95
CA ALA A 313 -5.89 18.68 -21.78
C ALA A 313 -4.61 17.87 -21.55
N GLU A 314 -4.75 16.59 -21.25
CA GLU A 314 -3.63 15.81 -20.72
C GLU A 314 -3.09 14.74 -21.63
N GLU A 315 -3.97 14.12 -22.41
CA GLU A 315 -3.60 12.91 -23.14
C GLU A 315 -3.10 13.22 -24.54
N TYR B 9 -28.01 -17.20 -5.30
CA TYR B 9 -26.66 -16.73 -5.74
C TYR B 9 -26.78 -15.58 -6.71
N PRO B 10 -25.88 -14.58 -6.64
CA PRO B 10 -25.86 -13.61 -7.73
C PRO B 10 -25.14 -14.20 -8.93
N VAL B 11 -25.78 -14.10 -10.10
CA VAL B 11 -25.22 -14.65 -11.34
C VAL B 11 -24.45 -13.56 -12.06
N LEU B 12 -23.25 -13.92 -12.57
CA LEU B 12 -22.40 -13.00 -13.32
C LEU B 12 -22.42 -13.35 -14.81
N ASP B 13 -22.51 -12.34 -15.67
CA ASP B 13 -22.42 -12.56 -17.12
C ASP B 13 -20.97 -12.81 -17.52
N TRP B 14 -20.73 -13.90 -18.25
CA TRP B 14 -19.36 -14.25 -18.71
C TRP B 14 -18.70 -13.07 -19.41
N ASN B 15 -19.45 -12.41 -20.28
CA ASN B 15 -18.97 -11.22 -21.00
C ASN B 15 -18.72 -10.02 -20.08
N ASP B 16 -19.27 -10.06 -18.87
CA ASP B 16 -19.04 -9.02 -17.87
C ASP B 16 -17.68 -9.15 -17.14
N ILE B 17 -16.91 -10.19 -17.49
CA ILE B 17 -15.62 -10.48 -16.83
C ILE B 17 -14.43 -10.30 -17.78
N LYS B 18 -13.46 -9.49 -17.36
CA LYS B 18 -12.14 -9.46 -18.00
C LYS B 18 -11.09 -10.08 -17.07
N PHE B 19 -10.51 -11.20 -17.49
CA PHE B 19 -9.51 -11.91 -16.69
C PHE B 19 -8.14 -11.26 -16.83
N GLN B 20 -7.35 -11.35 -15.77
CA GLN B 20 -5.95 -10.93 -15.79
C GLN B 20 -5.07 -12.10 -15.30
N ASP B 21 -4.11 -11.82 -14.42
CA ASP B 21 -3.11 -12.84 -14.03
C ASP B 21 -3.65 -13.94 -13.11
N VAL B 22 -3.01 -15.11 -13.20
CA VAL B 22 -3.20 -16.17 -12.22
C VAL B 22 -2.50 -15.74 -10.95
N ILE B 23 -3.16 -15.89 -9.82
CA ILE B 23 -2.60 -15.46 -8.53
C ILE B 23 -2.60 -16.58 -7.49
N GLY B 24 -2.76 -17.83 -7.94
CA GLY B 24 -2.93 -18.96 -7.04
C GLY B 24 -3.34 -20.20 -7.81
N GLU B 25 -2.84 -21.36 -7.38
CA GLU B 25 -3.05 -22.62 -8.11
C GLU B 25 -3.18 -23.83 -7.17
N GLY B 26 -3.71 -24.92 -7.69
CA GLY B 26 -3.85 -26.15 -6.91
C GLY B 26 -4.41 -27.30 -7.75
N ASN B 27 -4.26 -28.52 -7.27
CA ASN B 27 -4.87 -29.67 -7.94
C ASN B 27 -6.37 -29.48 -8.19
N PHE B 28 -7.04 -28.69 -7.33
CA PHE B 28 -8.49 -28.55 -7.39
C PHE B 28 -8.97 -27.38 -8.29
N GLY B 29 -8.09 -26.42 -8.58
CA GLY B 29 -8.48 -25.27 -9.40
C GLY B 29 -7.47 -24.11 -9.35
N GLN B 30 -7.80 -23.01 -10.03
CA GLN B 30 -6.93 -21.83 -10.04
C GLN B 30 -7.69 -20.56 -9.64
N VAL B 31 -6.93 -19.56 -9.21
CA VAL B 31 -7.50 -18.28 -8.84
C VAL B 31 -6.87 -17.22 -9.73
N LEU B 32 -7.71 -16.39 -10.37
CA LEU B 32 -7.26 -15.33 -11.27
C LEU B 32 -7.70 -13.97 -10.77
N LYS B 33 -6.83 -12.97 -10.90
CA LYS B 33 -7.24 -11.59 -10.70
C LYS B 33 -8.08 -11.20 -11.91
N ALA B 34 -9.09 -10.36 -11.69
CA ALA B 34 -10.02 -9.99 -12.76
C ALA B 34 -10.72 -8.70 -12.47
N ARG B 35 -11.34 -8.14 -13.51
CA ARG B 35 -12.30 -7.04 -13.39
C ARG B 35 -13.66 -7.56 -13.78
N ILE B 36 -14.67 -7.26 -12.98
CA ILE B 36 -16.03 -7.62 -13.32
C ILE B 36 -16.91 -6.39 -13.31
N LYS B 37 -18.03 -6.50 -14.00
CA LYS B 37 -19.09 -5.51 -13.91
C LYS B 37 -20.23 -6.16 -13.15
N LYS B 38 -20.66 -5.51 -12.07
CA LYS B 38 -21.77 -6.00 -11.25
C LYS B 38 -22.72 -4.83 -10.98
N ASP B 39 -24.02 -5.05 -11.23
CA ASP B 39 -24.99 -3.97 -11.24
C ASP B 39 -24.44 -2.84 -12.12
N GLY B 40 -24.11 -1.71 -11.50
CA GLY B 40 -23.56 -0.57 -12.24
C GLY B 40 -22.04 -0.43 -12.16
N LEU B 41 -21.43 -1.02 -11.13
CA LEU B 41 -20.01 -0.78 -10.84
C LEU B 41 -19.09 -1.76 -11.55
N ARG B 42 -17.93 -1.26 -11.97
CA ARG B 42 -16.84 -2.11 -12.43
C ARG B 42 -15.87 -2.30 -11.25
N MET B 43 -15.44 -3.54 -11.05
CA MET B 43 -14.93 -4.01 -9.77
C MET B 43 -13.72 -4.89 -9.95
N ASP B 44 -12.82 -4.88 -8.97
CA ASP B 44 -11.81 -5.94 -8.87
C ASP B 44 -12.49 -7.21 -8.34
N ALA B 45 -11.95 -8.35 -8.68
CA ALA B 45 -12.37 -9.61 -8.09
C ALA B 45 -11.25 -10.63 -8.19
N ALA B 46 -11.27 -11.60 -7.30
CA ALA B 46 -10.46 -12.80 -7.47
C ALA B 46 -11.39 -13.91 -7.87
N ILE B 47 -11.14 -14.56 -9.01
CA ILE B 47 -12.08 -15.57 -9.52
C ILE B 47 -11.50 -16.95 -9.37
N LYS B 48 -12.19 -17.80 -8.63
CA LYS B 48 -11.78 -19.19 -8.46
C LYS B 48 -12.44 -20.03 -9.54
N ARG B 49 -11.63 -20.71 -10.35
CA ARG B 49 -12.11 -21.63 -11.40
C ARG B 49 -11.86 -23.07 -10.95
N GLY B 64 -21.49 -25.59 -2.52
CA GLY B 64 -20.55 -25.88 -1.39
C GLY B 64 -19.82 -24.62 -0.90
N GLU B 65 -18.66 -24.34 -1.44
CA GLU B 65 -18.00 -23.05 -1.19
C GLU B 65 -18.98 -21.89 -1.57
N LEU B 66 -19.75 -22.10 -2.63
CA LEU B 66 -20.71 -21.12 -3.10
C LEU B 66 -21.77 -20.82 -2.04
N GLU B 67 -22.31 -21.86 -1.44
CA GLU B 67 -23.39 -21.71 -0.44
C GLU B 67 -22.89 -21.05 0.83
N VAL B 68 -21.70 -21.44 1.26
CA VAL B 68 -21.08 -20.86 2.45
C VAL B 68 -20.81 -19.36 2.28
N LEU B 69 -20.17 -18.99 1.17
CA LEU B 69 -19.88 -17.58 0.90
C LEU B 69 -21.19 -16.76 0.71
N CYS B 70 -22.20 -17.36 0.07
CA CYS B 70 -23.52 -16.71 -0.05
CA CYS B 70 -23.51 -16.71 -0.06
C CYS B 70 -24.19 -16.43 1.27
N LYS B 71 -24.05 -17.36 2.22
CA LYS B 71 -24.70 -17.23 3.53
C LYS B 71 -23.97 -16.18 4.37
N LEU B 72 -22.65 -16.24 4.41
CA LEU B 72 -21.85 -15.51 5.45
C LEU B 72 -21.10 -14.29 4.94
N GLY B 73 -20.91 -14.19 3.62
CA GLY B 73 -20.00 -13.20 3.02
C GLY B 73 -20.38 -11.75 3.25
N HIS B 74 -21.69 -11.49 3.40
CA HIS B 74 -22.16 -10.12 3.60
C HIS B 74 -21.53 -9.48 4.87
N HIS B 75 -21.10 -10.28 5.84
CA HIS B 75 -20.43 -9.66 6.99
C HIS B 75 -19.12 -8.98 6.47
N PRO B 76 -18.87 -7.73 6.88
CA PRO B 76 -17.67 -7.02 6.35
C PRO B 76 -16.30 -7.61 6.75
N ASN B 77 -16.27 -8.43 7.78
CA ASN B 77 -15.05 -9.13 8.18
C ASN B 77 -15.01 -10.60 7.76
N ILE B 78 -15.90 -10.95 6.82
CA ILE B 78 -15.90 -12.25 6.14
C ILE B 78 -15.78 -11.95 4.62
N ILE B 79 -14.83 -12.60 3.94
CA ILE B 79 -14.64 -12.34 2.49
C ILE B 79 -15.95 -12.70 1.75
N ASN B 80 -16.36 -11.84 0.80
CA ASN B 80 -17.67 -11.92 0.21
C ASN B 80 -17.70 -12.57 -1.19
N LEU B 81 -18.84 -13.17 -1.51
CA LEU B 81 -19.14 -13.61 -2.87
C LEU B 81 -19.70 -12.43 -3.64
N LEU B 82 -19.08 -12.09 -4.77
CA LEU B 82 -19.61 -11.09 -5.69
C LEU B 82 -20.54 -11.72 -6.72
N GLY B 83 -20.22 -12.94 -7.14
CA GLY B 83 -21.06 -13.64 -8.12
C GLY B 83 -20.49 -14.99 -8.54
N ALA B 84 -21.29 -15.76 -9.27
CA ALA B 84 -20.86 -17.04 -9.83
C ALA B 84 -21.24 -17.17 -11.31
N CYS B 85 -20.61 -18.14 -11.98
CA CYS B 85 -20.72 -18.27 -13.42
C CYS B 85 -20.26 -19.66 -13.87
N GLU B 86 -21.13 -20.38 -14.59
CA GLU B 86 -20.73 -21.57 -15.35
C GLU B 86 -20.65 -21.17 -16.82
N HIS B 87 -19.50 -21.42 -17.45
CA HIS B 87 -19.32 -21.12 -18.89
C HIS B 87 -19.13 -22.40 -19.73
N ARG B 88 -17.89 -22.90 -19.76
CA ARG B 88 -17.59 -24.13 -20.50
C ARG B 88 -17.59 -25.29 -19.51
N GLY B 89 -16.49 -26.03 -19.44
CA GLY B 89 -16.35 -27.08 -18.44
C GLY B 89 -16.09 -26.56 -17.03
N TYR B 90 -15.66 -25.30 -16.92
CA TYR B 90 -15.25 -24.69 -15.65
C TYR B 90 -16.36 -23.86 -14.97
N LEU B 91 -16.47 -23.98 -13.64
CA LEU B 91 -17.34 -23.10 -12.81
C LEU B 91 -16.50 -22.00 -12.15
N TYR B 92 -17.04 -20.78 -12.12
CA TYR B 92 -16.28 -19.61 -11.70
C TYR B 92 -16.91 -18.89 -10.52
N LEU B 93 -16.20 -18.79 -9.40
CA LEU B 93 -16.66 -18.01 -8.24
C LEU B 93 -15.91 -16.68 -8.18
N ALA B 94 -16.63 -15.57 -8.28
CA ALA B 94 -16.02 -14.25 -8.19
C ALA B 94 -16.05 -13.80 -6.73
N ILE B 95 -14.85 -13.59 -6.17
CA ILE B 95 -14.67 -13.33 -4.77
C ILE B 95 -14.19 -11.91 -4.60
N GLU B 96 -14.63 -11.27 -3.54
CA GLU B 96 -14.20 -9.93 -3.17
C GLU B 96 -12.67 -9.87 -3.20
N TYR B 97 -12.11 -8.87 -3.89
CA TYR B 97 -10.66 -8.74 -4.03
C TYR B 97 -10.06 -8.01 -2.84
N ALA B 98 -8.98 -8.54 -2.29
CA ALA B 98 -8.33 -7.92 -1.17
C ALA B 98 -6.95 -7.42 -1.66
N PRO B 99 -6.80 -6.11 -1.94
CA PRO B 99 -5.57 -5.65 -2.63
C PRO B 99 -4.25 -5.87 -1.88
N HIS B 100 -4.30 -5.98 -0.55
CA HIS B 100 -3.07 -6.15 0.23
C HIS B 100 -2.73 -7.60 0.53
N GLY B 101 -3.51 -8.53 0.01
CA GLY B 101 -3.14 -9.96 0.09
C GLY B 101 -3.39 -10.52 1.49
N ASN B 102 -2.73 -11.63 1.79
CA ASN B 102 -3.02 -12.32 3.04
C ASN B 102 -2.24 -11.63 4.16
N LEU B 103 -2.78 -11.68 5.37
CA LEU B 103 -2.27 -10.94 6.50
C LEU B 103 -0.85 -11.41 6.91
N LEU B 104 -0.57 -12.72 6.78
CA LEU B 104 0.73 -13.22 7.19
C LEU B 104 1.81 -12.57 6.32
N ASP B 105 1.60 -12.59 5.02
CA ASP B 105 2.59 -11.92 4.12
C ASP B 105 2.65 -10.42 4.31
N PHE B 106 1.49 -9.80 4.57
CA PHE B 106 1.44 -8.35 4.85
C PHE B 106 2.19 -7.98 6.16
N LEU B 107 2.03 -8.80 7.20
CA LEU B 107 2.80 -8.59 8.46
C LEU B 107 4.32 -8.72 8.24
N ARG B 108 4.74 -9.75 7.51
CA ARG B 108 6.13 -9.98 7.26
C ARG B 108 6.74 -8.91 6.39
N LYS B 109 5.98 -8.45 5.41
CA LYS B 109 6.39 -7.35 4.57
C LYS B 109 6.51 -6.04 5.34
N SER B 110 5.91 -5.95 6.53
CA SER B 110 6.08 -4.75 7.39
C SER B 110 7.42 -4.68 8.17
N ARG B 111 8.19 -5.76 8.13
CA ARG B 111 9.44 -5.89 8.88
C ARG B 111 10.52 -5.05 8.23
N VAL B 112 10.39 -3.76 8.42
CA VAL B 112 11.18 -2.83 7.65
C VAL B 112 12.66 -2.87 7.97
N LEU B 113 13.04 -3.39 9.15
CA LEU B 113 14.48 -3.53 9.43
C LEU B 113 15.09 -4.53 8.46
N GLU B 114 14.28 -5.51 8.05
CA GLU B 114 14.71 -6.50 7.11
C GLU B 114 14.66 -5.97 5.68
N THR B 115 13.55 -5.33 5.31
CA THR B 115 13.35 -4.92 3.90
C THR B 115 14.10 -3.61 3.53
N ASP B 116 14.27 -2.71 4.51
CA ASP B 116 14.96 -1.46 4.21
C ASP B 116 15.57 -0.90 5.47
N PRO B 117 16.70 -1.50 5.88
CA PRO B 117 17.33 -1.18 7.15
C PRO B 117 17.67 0.32 7.29
N ALA B 118 18.01 1.00 6.22
CA ALA B 118 18.40 2.42 6.32
C ALA B 118 17.20 3.25 6.75
N PHE B 119 16.03 2.94 6.19
CA PHE B 119 14.80 3.59 6.58
C PHE B 119 14.44 3.25 8.02
N ALA B 120 14.60 1.98 8.38
CA ALA B 120 14.17 1.51 9.70
C ALA B 120 15.03 2.18 10.79
N ILE B 121 16.34 2.20 10.55
CA ILE B 121 17.26 2.79 11.51
C ILE B 121 17.01 4.30 11.62
N ALA B 122 16.98 4.99 10.49
CA ALA B 122 16.67 6.41 10.47
C ALA B 122 15.38 6.77 11.23
N ASN B 123 14.36 5.95 11.12
CA ASN B 123 13.10 6.23 11.75
C ASN B 123 12.94 5.49 13.09
N SER B 124 14.00 4.85 13.59
CA SER B 124 13.94 4.04 14.81
C SER B 124 12.71 3.13 14.85
N THR B 125 12.42 2.44 13.74
CA THR B 125 11.24 1.62 13.69
C THR B 125 11.50 0.20 13.16
N ALA B 126 10.83 -0.76 13.76
CA ALA B 126 10.88 -2.17 13.34
C ALA B 126 9.68 -2.56 12.42
N SER B 127 8.67 -1.72 12.33
CA SER B 127 7.50 -2.00 11.49
C SER B 127 6.91 -0.76 10.87
N THR B 128 6.42 -0.90 9.65
CA THR B 128 5.61 0.11 9.04
C THR B 128 4.16 0.08 9.52
N LEU B 129 3.78 -0.94 10.31
CA LEU B 129 2.45 -0.99 10.94
C LEU B 129 2.50 -0.48 12.37
N SER B 130 1.49 0.30 12.76
CA SER B 130 1.39 0.79 14.13
C SER B 130 0.72 -0.21 15.05
N SER B 131 0.95 -0.03 16.34
CA SER B 131 0.23 -0.78 17.35
C SER B 131 -1.29 -0.79 17.12
N GLN B 132 -1.87 0.38 16.83
CA GLN B 132 -3.32 0.48 16.56
C GLN B 132 -3.75 -0.28 15.33
N GLN B 133 -2.94 -0.22 14.26
CA GLN B 133 -3.29 -0.99 13.06
C GLN B 133 -3.29 -2.51 13.33
N LEU B 134 -2.32 -2.96 14.10
CA LEU B 134 -2.23 -4.35 14.50
C LEU B 134 -3.48 -4.78 15.34
N LEU B 135 -3.87 -3.92 16.28
CA LEU B 135 -5.03 -4.20 17.10
C LEU B 135 -6.30 -4.17 16.30
N HIS B 136 -6.37 -3.27 15.33
CA HIS B 136 -7.50 -3.22 14.43
C HIS B 136 -7.65 -4.51 13.65
N PHE B 137 -6.55 -5.11 13.19
CA PHE B 137 -6.62 -6.40 12.51
C PHE B 137 -7.15 -7.47 13.46
N ALA B 138 -6.63 -7.53 14.68
CA ALA B 138 -7.09 -8.50 15.65
C ALA B 138 -8.63 -8.34 15.94
N ALA B 139 -9.09 -7.09 16.04
CA ALA B 139 -10.47 -6.78 16.31
C ALA B 139 -11.38 -7.18 15.16
N ASP B 140 -10.93 -6.88 13.92
CA ASP B 140 -11.71 -7.22 12.74
C ASP B 140 -11.93 -8.73 12.68
N VAL B 141 -10.87 -9.50 12.94
CA VAL B 141 -10.99 -10.96 12.92
C VAL B 141 -11.91 -11.46 14.01
N ALA B 142 -11.77 -10.92 15.22
CA ALA B 142 -12.66 -11.30 16.33
C ALA B 142 -14.15 -10.95 16.02
N ARG B 143 -14.38 -9.80 15.42
CA ARG B 143 -15.74 -9.42 15.00
C ARG B 143 -16.31 -10.48 14.03
N GLY B 144 -15.52 -10.80 13.01
CA GLY B 144 -15.92 -11.79 12.02
C GLY B 144 -16.20 -13.14 12.66
N MET B 145 -15.35 -13.53 13.61
CA MET B 145 -15.52 -14.81 14.24
C MET B 145 -16.72 -14.85 15.18
N ASP B 146 -17.01 -13.73 15.84
CA ASP B 146 -18.23 -13.63 16.63
C ASP B 146 -19.45 -13.89 15.75
N TYR B 147 -19.45 -13.30 14.54
CA TYR B 147 -20.56 -13.51 13.63
C TYR B 147 -20.64 -15.00 13.21
N LEU B 148 -19.49 -15.59 12.87
CA LEU B 148 -19.45 -17.03 12.53
C LEU B 148 -19.96 -17.90 13.64
N SER B 149 -19.46 -17.67 14.85
CA SER B 149 -19.92 -18.45 15.96
C SER B 149 -21.43 -18.25 16.28
N GLN B 150 -21.98 -17.04 16.06
CA GLN B 150 -23.40 -16.85 16.24
C GLN B 150 -24.18 -17.62 15.20
N LYS B 151 -23.58 -17.82 14.02
CA LYS B 151 -24.19 -18.62 12.99
C LYS B 151 -23.91 -20.11 13.16
N GLN B 152 -23.29 -20.51 14.27
CA GLN B 152 -22.93 -21.91 14.53
C GLN B 152 -21.98 -22.49 13.43
N PHE B 153 -21.11 -21.64 12.89
CA PHE B 153 -20.16 -22.07 11.89
C PHE B 153 -18.81 -22.22 12.52
N ILE B 154 -18.13 -23.32 12.24
CA ILE B 154 -16.79 -23.59 12.78
C ILE B 154 -15.77 -23.42 11.65
N HIS B 155 -14.80 -22.51 11.83
CA HIS B 155 -13.82 -22.26 10.80
C HIS B 155 -12.85 -23.44 10.59
N ARG B 156 -12.23 -23.91 11.67
CA ARG B 156 -11.31 -25.04 11.68
C ARG B 156 -9.85 -24.79 11.21
N ASP B 157 -9.56 -23.65 10.62
CA ASP B 157 -8.20 -23.36 10.19
C ASP B 157 -7.90 -21.85 10.25
N LEU B 158 -8.21 -21.24 11.38
CA LEU B 158 -8.01 -19.85 11.57
C LEU B 158 -6.48 -19.63 11.80
N ALA B 159 -5.91 -18.74 11.00
CA ALA B 159 -4.45 -18.42 11.06
C ALA B 159 -4.27 -17.22 10.16
N ALA B 160 -3.20 -16.47 10.33
CA ALA B 160 -3.02 -15.23 9.57
C ALA B 160 -2.97 -15.45 8.06
N ARG B 161 -2.49 -16.62 7.64
CA ARG B 161 -2.44 -16.98 6.20
C ARG B 161 -3.83 -17.07 5.56
N ASN B 162 -4.87 -17.28 6.39
CA ASN B 162 -6.26 -17.27 5.91
C ASN B 162 -7.05 -16.02 6.19
N ILE B 163 -6.34 -14.94 6.61
CA ILE B 163 -6.96 -13.63 6.72
C ILE B 163 -6.49 -12.81 5.53
N LEU B 164 -7.43 -12.05 4.95
CA LEU B 164 -7.14 -11.17 3.85
C LEU B 164 -7.21 -9.71 4.32
N VAL B 165 -6.27 -8.91 3.83
CA VAL B 165 -6.22 -7.48 4.14
C VAL B 165 -6.80 -6.71 2.95
N GLY B 166 -8.03 -6.27 3.14
CA GLY B 166 -8.83 -5.77 2.05
C GLY B 166 -8.70 -4.30 1.78
N GLU B 167 -9.63 -3.80 0.97
CA GLU B 167 -9.70 -2.38 0.69
C GLU B 167 -9.71 -1.68 2.03
N ASN B 168 -8.88 -0.65 2.12
CA ASN B 168 -8.77 0.18 3.29
C ASN B 168 -8.29 -0.56 4.54
N TYR B 169 -7.54 -1.65 4.33
CA TYR B 169 -6.87 -2.38 5.43
CA TYR B 169 -6.90 -2.44 5.37
C TYR B 169 -7.86 -3.08 6.38
N VAL B 170 -9.07 -3.29 5.94
CA VAL B 170 -10.04 -4.06 6.70
C VAL B 170 -9.64 -5.55 6.59
N ALA B 171 -9.55 -6.22 7.71
CA ALA B 171 -9.33 -7.68 7.68
C ALA B 171 -10.58 -8.52 7.38
N LYS B 172 -10.41 -9.52 6.52
CA LYS B 172 -11.49 -10.40 6.08
C LYS B 172 -11.11 -11.84 6.26
N ILE B 173 -11.99 -12.59 6.93
CA ILE B 173 -11.73 -14.01 7.20
C ILE B 173 -12.00 -14.79 5.91
N ALA B 174 -11.08 -15.66 5.55
CA ALA B 174 -11.20 -16.49 4.36
C ALA B 174 -10.77 -17.92 4.65
N ASP B 175 -10.82 -18.76 3.65
CA ASP B 175 -10.36 -20.12 3.77
C ASP B 175 -9.90 -20.57 2.38
N PHE B 176 -8.64 -20.96 2.25
CA PHE B 176 -8.09 -21.28 0.91
C PHE B 176 -8.19 -22.78 0.58
N GLY B 177 -8.88 -23.52 1.46
CA GLY B 177 -9.24 -24.91 1.19
C GLY B 177 -8.27 -25.98 1.68
N LEU B 178 -7.16 -25.57 2.28
CA LEU B 178 -6.17 -26.55 2.76
C LEU B 178 -6.77 -27.57 3.74
N SER B 179 -7.54 -27.06 4.71
CA SER B 179 -8.14 -27.89 5.74
C SER B 179 -9.10 -28.97 5.18
N ARG B 180 -9.49 -28.85 3.91
CA ARG B 180 -10.34 -29.83 3.26
C ARG B 180 -9.56 -30.68 2.23
N GLY B 181 -8.23 -30.60 2.27
CA GLY B 181 -7.40 -31.28 1.29
C GLY B 181 -7.47 -30.65 -0.11
N GLN B 182 -7.91 -29.39 -0.18
CA GLN B 182 -8.27 -28.78 -1.48
C GLN B 182 -7.68 -27.41 -1.67
N GLU B 183 -6.40 -27.25 -1.33
CA GLU B 183 -5.78 -25.94 -1.28
C GLU B 183 -5.63 -25.29 -2.68
N VAL B 184 -5.97 -24.00 -2.74
CA VAL B 184 -5.72 -23.17 -3.91
C VAL B 184 -5.23 -21.82 -3.44
N LYS B 188 2.05 -23.13 -1.69
CA LYS B 188 1.99 -24.58 -1.57
C LYS B 188 2.32 -24.99 -0.12
N THR B 189 1.32 -24.96 0.76
CA THR B 189 1.59 -25.05 2.21
C THR B 189 1.97 -26.47 2.65
N MET B 190 2.98 -26.58 3.53
CA MET B 190 3.31 -27.88 4.17
C MET B 190 2.07 -28.41 4.87
N GLY B 191 1.74 -29.67 4.61
CA GLY B 191 0.47 -30.25 5.06
C GLY B 191 0.24 -30.26 6.57
N ARG B 192 1.32 -30.34 7.36
CA ARG B 192 1.25 -30.41 8.83
C ARG B 192 1.30 -29.01 9.50
N LEU B 193 1.42 -27.96 8.69
CA LEU B 193 1.62 -26.62 9.24
C LEU B 193 0.47 -26.26 10.17
N PRO B 194 -0.80 -26.61 9.82
CA PRO B 194 -1.96 -26.27 10.68
C PRO B 194 -1.93 -26.81 12.09
N VAL B 195 -1.15 -27.84 12.33
CA VAL B 195 -0.95 -28.37 13.68
C VAL B 195 -0.66 -27.24 14.68
N ARG B 196 0.17 -26.27 14.25
CA ARG B 196 0.64 -25.20 15.17
C ARG B 196 -0.47 -24.23 15.62
N TRP B 197 -1.63 -24.29 14.99
CA TRP B 197 -2.78 -23.50 15.38
C TRP B 197 -3.86 -24.35 16.07
N MET B 198 -3.66 -25.65 16.14
CA MET B 198 -4.74 -26.56 16.57
C MET B 198 -4.86 -26.61 18.09
N ALA B 199 -6.08 -26.49 18.59
CA ALA B 199 -6.33 -26.76 20.00
C ALA B 199 -5.90 -28.21 20.34
N ILE B 200 -5.53 -28.45 21.57
CA ILE B 200 -5.11 -29.77 22.06
CA ILE B 200 -5.07 -29.77 21.93
C ILE B 200 -6.18 -30.82 21.75
N GLU B 201 -7.45 -30.47 21.98
CA GLU B 201 -8.57 -31.44 21.72
C GLU B 201 -8.74 -31.74 20.23
N SER B 202 -8.38 -30.79 19.36
CA SER B 202 -8.38 -31.08 17.95
C SER B 202 -7.25 -32.07 17.63
N LEU B 203 -6.07 -31.82 18.19
CA LEU B 203 -4.94 -32.73 17.99
C LEU B 203 -5.23 -34.18 18.43
N ASN B 204 -5.87 -34.35 19.58
CA ASN B 204 -6.13 -35.70 20.09
C ASN B 204 -7.39 -36.42 19.60
N TYR B 205 -8.44 -35.66 19.33
CA TYR B 205 -9.75 -36.21 19.09
C TYR B 205 -10.38 -35.69 17.78
N SER B 206 -9.69 -34.82 17.06
CA SER B 206 -10.26 -34.09 15.89
C SER B 206 -11.58 -33.44 16.22
N VAL B 207 -11.68 -32.93 17.47
CA VAL B 207 -12.79 -32.13 17.91
C VAL B 207 -12.56 -30.72 17.45
N TYR B 208 -13.53 -30.18 16.70
CA TYR B 208 -13.47 -28.75 16.29
C TYR B 208 -14.76 -27.98 16.64
N THR B 209 -14.62 -26.92 17.43
CA THR B 209 -15.75 -26.22 17.96
C THR B 209 -15.46 -24.77 17.87
N THR B 210 -16.41 -23.94 18.29
CA THR B 210 -16.08 -22.52 18.43
C THR B 210 -14.95 -22.31 19.41
N ASN B 211 -14.95 -23.10 20.48
CA ASN B 211 -13.88 -22.98 21.46
C ASN B 211 -12.51 -23.34 20.90
N SER B 212 -12.44 -24.32 20.01
CA SER B 212 -11.15 -24.65 19.44
C SER B 212 -10.74 -23.54 18.47
N ASP B 213 -11.73 -22.90 17.82
CA ASP B 213 -11.44 -21.75 16.96
C ASP B 213 -10.84 -20.59 17.80
N VAL B 214 -11.27 -20.46 19.04
CA VAL B 214 -10.75 -19.46 19.92
C VAL B 214 -9.26 -19.74 20.20
N TRP B 215 -8.90 -21.01 20.35
CA TRP B 215 -7.50 -21.36 20.54
C TRP B 215 -6.67 -20.90 19.33
N SER B 216 -7.14 -21.25 18.15
CA SER B 216 -6.46 -20.81 16.94
C SER B 216 -6.34 -19.30 16.83
N TYR B 217 -7.41 -18.59 17.21
CA TYR B 217 -7.44 -17.17 17.27
C TYR B 217 -6.34 -16.60 18.13
N GLY B 218 -6.12 -17.20 19.31
CA GLY B 218 -5.01 -16.85 20.14
C GLY B 218 -3.66 -16.93 19.42
N VAL B 219 -3.45 -18.00 18.68
CA VAL B 219 -2.24 -18.18 17.93
C VAL B 219 -2.14 -17.10 16.84
N LEU B 220 -3.28 -16.78 16.22
CA LEU B 220 -3.33 -15.71 15.22
C LEU B 220 -2.97 -14.35 15.82
N LEU B 221 -3.45 -14.09 17.02
CA LEU B 221 -3.12 -12.85 17.72
C LEU B 221 -1.60 -12.79 17.99
N TRP B 222 -1.03 -13.93 18.34
CA TRP B 222 0.39 -14.04 18.54
C TRP B 222 1.13 -13.76 17.24
N GLU B 223 0.58 -14.22 16.13
CA GLU B 223 1.14 -13.95 14.85
C GLU B 223 1.16 -12.42 14.61
N ILE B 224 0.04 -11.79 14.90
CA ILE B 224 -0.10 -10.35 14.61
C ILE B 224 0.95 -9.59 15.40
N VAL B 225 1.05 -9.90 16.67
CA VAL B 225 1.93 -9.16 17.57
C VAL B 225 3.41 -9.38 17.26
N SER B 226 3.74 -10.60 16.83
CA SER B 226 5.09 -10.95 16.43
C SER B 226 5.46 -10.58 14.99
N LEU B 227 4.57 -9.92 14.29
CA LEU B 227 4.78 -9.53 12.90
C LEU B 227 5.05 -10.75 12.00
N GLY B 228 4.32 -11.82 12.24
CA GLY B 228 4.34 -12.97 11.35
C GLY B 228 5.37 -13.97 11.72
N GLY B 229 5.71 -14.06 13.00
CA GLY B 229 6.63 -15.14 13.38
C GLY B 229 5.97 -16.50 13.19
N THR B 230 6.76 -17.52 12.92
CA THR B 230 6.24 -18.92 12.91
C THR B 230 6.00 -19.35 14.33
N PRO B 231 4.75 -19.78 14.64
CA PRO B 231 4.54 -20.24 15.99
C PRO B 231 5.39 -21.46 16.37
N TYR B 232 6.01 -21.42 17.55
CA TYR B 232 6.86 -22.50 18.03
C TYR B 232 8.05 -22.77 17.12
N CYS B 233 8.58 -21.71 16.53
CA CYS B 233 9.69 -21.76 15.64
C CYS B 233 10.84 -22.63 16.24
N GLY B 234 11.31 -23.61 15.50
CA GLY B 234 12.40 -24.48 15.93
C GLY B 234 11.93 -25.77 16.57
N MET B 235 10.64 -25.84 16.90
CA MET B 235 10.05 -27.07 17.44
C MET B 235 9.34 -27.84 16.38
N THR B 236 9.44 -29.16 16.43
CA THR B 236 8.64 -30.01 15.53
C THR B 236 7.21 -30.12 16.00
N CYS B 237 6.33 -30.54 15.10
CA CYS B 237 4.94 -30.79 15.45
C CYS B 237 4.78 -31.84 16.55
N ALA B 238 5.52 -32.93 16.44
CA ALA B 238 5.59 -33.94 17.49
C ALA B 238 5.90 -33.35 18.90
N GLU B 239 6.90 -32.48 18.98
CA GLU B 239 7.35 -31.93 20.27
C GLU B 239 6.33 -31.07 20.87
N LEU B 240 5.83 -30.16 20.04
CA LEU B 240 4.79 -29.26 20.43
C LEU B 240 3.60 -30.03 21.01
N TYR B 241 3.17 -31.07 20.28
CA TYR B 241 2.08 -31.93 20.73
C TYR B 241 2.35 -32.60 22.07
N GLU B 242 3.58 -33.08 22.26
CA GLU B 242 4.01 -33.67 23.53
C GLU B 242 4.01 -32.62 24.68
N LYS B 243 4.38 -31.37 24.37
CA LYS B 243 4.51 -30.34 25.39
C LYS B 243 3.19 -29.62 25.78
N LEU B 244 2.25 -29.51 24.85
CA LEU B 244 1.02 -28.74 25.14
C LEU B 244 0.28 -29.24 26.40
N PRO B 245 0.16 -30.58 26.58
CA PRO B 245 -0.56 -31.06 27.77
C PRO B 245 0.22 -30.89 29.08
N GLN B 246 1.53 -30.67 28.97
CA GLN B 246 2.35 -30.32 30.11
C GLN B 246 2.18 -28.84 30.51
N GLY B 247 1.34 -28.10 29.80
CA GLY B 247 1.07 -26.71 30.11
C GLY B 247 1.97 -25.76 29.33
N TYR B 248 2.75 -26.28 28.39
CA TYR B 248 3.59 -25.40 27.59
C TYR B 248 2.71 -24.53 26.66
N ARG B 249 3.06 -23.26 26.54
CA ARG B 249 2.39 -22.30 25.65
C ARG B 249 3.40 -21.36 24.97
N LEU B 250 2.98 -20.70 23.88
CA LEU B 250 3.81 -19.66 23.27
C LEU B 250 4.21 -18.61 24.32
N GLU B 251 5.48 -18.24 24.28
CA GLU B 251 6.05 -17.22 25.16
C GLU B 251 5.58 -15.84 24.76
N LYS B 252 5.50 -14.93 25.73
CA LYS B 252 5.13 -13.55 25.45
C LYS B 252 6.19 -12.91 24.55
N PRO B 253 5.77 -12.33 23.43
CA PRO B 253 6.75 -11.60 22.65
C PRO B 253 7.27 -10.40 23.42
N LEU B 254 8.55 -10.08 23.23
CA LEU B 254 9.19 -9.00 23.97
C LEU B 254 8.51 -7.64 23.72
N ASN B 255 8.05 -7.46 22.49
CA ASN B 255 7.33 -6.23 22.08
C ASN B 255 5.84 -6.15 22.52
N CYS B 256 5.40 -7.08 23.38
CA CYS B 256 3.94 -7.25 23.69
C CYS B 256 3.59 -6.81 25.12
N ASP B 257 2.60 -5.91 25.27
CA ASP B 257 2.04 -5.56 26.60
C ASP B 257 1.47 -6.80 27.28
N ASP B 258 1.64 -6.90 28.60
CA ASP B 258 1.00 -7.96 29.41
C ASP B 258 -0.49 -8.18 29.12
N GLU B 259 -1.25 -7.11 28.94
CA GLU B 259 -2.72 -7.25 28.68
C GLU B 259 -2.98 -8.08 27.42
N VAL B 260 -2.20 -7.83 26.37
CA VAL B 260 -2.39 -8.54 25.14
C VAL B 260 -2.00 -9.99 25.30
N TYR B 261 -0.89 -10.25 25.97
CA TYR B 261 -0.48 -11.62 26.19
C TYR B 261 -1.46 -12.37 27.08
N ASP B 262 -1.98 -11.68 28.10
CA ASP B 262 -3.02 -12.29 28.96
C ASP B 262 -4.23 -12.77 28.13
N LEU B 263 -4.68 -11.94 27.21
CA LEU B 263 -5.75 -12.30 26.30
C LEU B 263 -5.43 -13.61 25.50
N MET B 264 -4.21 -13.68 24.93
CA MET B 264 -3.75 -14.89 24.20
C MET B 264 -3.81 -16.12 25.11
N ARG B 265 -3.30 -15.99 26.34
CA ARG B 265 -3.23 -17.11 27.25
C ARG B 265 -4.63 -17.63 27.61
N GLN B 266 -5.60 -16.73 27.75
CA GLN B 266 -7.02 -17.15 27.97
C GLN B 266 -7.54 -18.05 26.83
N CYS B 267 -7.18 -17.69 25.60
CA CYS B 267 -7.52 -18.48 24.42
C CYS B 267 -7.00 -19.92 24.45
N TRP B 268 -5.95 -20.18 25.20
CA TRP B 268 -5.30 -21.48 25.19
C TRP B 268 -5.45 -22.24 26.49
N ARG B 269 -6.53 -21.96 27.22
CA ARG B 269 -6.84 -22.77 28.39
C ARG B 269 -7.15 -24.20 27.95
N GLU B 270 -6.68 -25.15 28.72
CA GLU B 270 -6.86 -26.55 28.44
C GLU B 270 -8.33 -26.93 28.34
N LYS B 271 -9.12 -26.43 29.28
CA LYS B 271 -10.57 -26.70 29.28
C LYS B 271 -11.25 -25.77 28.29
N PRO B 272 -11.83 -26.35 27.22
CA PRO B 272 -12.29 -25.51 26.12
C PRO B 272 -13.33 -24.52 26.57
N TYR B 273 -14.20 -24.97 27.47
CA TYR B 273 -15.29 -24.18 27.99
C TYR B 273 -14.86 -23.05 28.95
N GLU B 274 -13.57 -22.92 29.23
CA GLU B 274 -13.07 -21.82 30.01
C GLU B 274 -12.43 -20.74 29.14
N ARG B 275 -12.44 -20.93 27.82
CA ARG B 275 -11.86 -19.92 26.93
C ARG B 275 -12.90 -18.80 26.72
N PRO B 276 -12.43 -17.58 26.39
CA PRO B 276 -13.38 -16.49 26.23
C PRO B 276 -14.16 -16.71 24.95
N SER B 277 -15.33 -16.09 24.84
CA SER B 277 -16.05 -16.08 23.58
C SER B 277 -15.39 -15.02 22.65
N PHE B 278 -15.72 -15.04 21.36
CA PHE B 278 -15.26 -13.99 20.44
C PHE B 278 -15.81 -12.61 20.78
N ALA B 279 -17.05 -12.53 21.25
CA ALA B 279 -17.62 -11.28 21.72
C ALA B 279 -16.78 -10.73 22.82
N GLN B 280 -16.36 -11.55 23.78
CA GLN B 280 -15.53 -10.99 24.86
C GLN B 280 -14.15 -10.56 24.36
N ILE B 281 -13.57 -11.33 23.45
CA ILE B 281 -12.27 -10.94 22.84
C ILE B 281 -12.43 -9.55 22.23
N LEU B 282 -13.49 -9.37 21.45
CA LEU B 282 -13.71 -8.10 20.73
C LEU B 282 -13.87 -6.90 21.69
N VAL B 283 -14.65 -7.10 22.74
CA VAL B 283 -14.79 -6.05 23.77
C VAL B 283 -13.42 -5.69 24.42
N SER B 284 -12.61 -6.68 24.77
CA SER B 284 -11.24 -6.37 25.29
C SER B 284 -10.45 -5.54 24.29
N LEU B 285 -10.47 -5.96 23.03
CA LEU B 285 -9.63 -5.30 22.01
C LEU B 285 -10.09 -3.87 21.78
N ASN B 286 -11.39 -3.66 21.70
CA ASN B 286 -11.93 -2.28 21.57
C ASN B 286 -11.58 -1.40 22.74
N ARG B 287 -11.62 -1.95 23.96
CA ARG B 287 -11.15 -1.21 25.14
C ARG B 287 -9.68 -0.81 25.01
N MET B 288 -8.84 -1.75 24.55
CA MET B 288 -7.44 -1.44 24.30
C MET B 288 -7.31 -0.37 23.20
N LEU B 289 -8.07 -0.54 22.12
CA LEU B 289 -8.04 0.44 20.99
C LEU B 289 -8.39 1.87 21.43
N GLU B 290 -9.36 1.99 22.33
CA GLU B 290 -9.85 3.29 22.83
C GLU B 290 -8.91 4.03 23.80
N GLU B 291 -8.09 3.32 24.58
CA GLU B 291 -7.06 3.97 25.43
C GLU B 291 -5.97 4.70 24.60
N ARG B 292 -5.30 5.68 25.22
CA ARG B 292 -4.19 6.39 24.57
C ARG B 292 -2.92 5.51 24.49
N LYS B 293 -2.77 4.61 25.46
CA LYS B 293 -1.59 3.73 25.62
C LYS B 293 -1.25 2.81 24.41
N THR B 294 0.06 2.55 24.22
CA THR B 294 0.58 1.69 23.11
C THR B 294 0.80 0.24 23.60
N TYR B 295 0.18 -0.73 22.93
CA TYR B 295 0.16 -2.11 23.43
C TYR B 295 1.20 -3.01 22.76
N VAL B 296 1.57 -2.69 21.52
CA VAL B 296 2.62 -3.41 20.79
C VAL B 296 3.76 -2.43 20.48
N ASN B 297 4.95 -2.73 20.98
CA ASN B 297 6.11 -1.88 20.77
C ASN B 297 6.70 -2.22 19.40
N THR B 298 6.72 -1.24 18.52
CA THR B 298 7.30 -1.36 17.18
C THR B 298 8.59 -0.51 17.05
N THR B 299 9.18 -0.13 18.16
CA THR B 299 10.39 0.74 18.14
C THR B 299 11.62 -0.12 17.99
N LEU B 300 12.68 0.42 17.36
CA LEU B 300 13.98 -0.26 17.34
C LEU B 300 14.75 0.10 18.57
N TYR B 301 15.60 -0.81 19.02
CA TYR B 301 16.55 -0.56 20.11
C TYR B 301 17.68 -1.53 19.88
N GLU B 302 18.76 -1.36 20.61
CA GLU B 302 19.93 -2.19 20.40
C GLU B 302 19.63 -3.66 20.72
N LYS B 303 20.16 -4.58 19.93
CA LYS B 303 19.93 -6.02 20.11
C LYS B 303 18.50 -6.44 19.78
N PHE B 304 17.69 -5.54 19.20
CA PHE B 304 16.29 -5.92 18.80
C PHE B 304 16.37 -7.10 17.86
N THR B 305 15.44 -8.04 18.01
CA THR B 305 15.33 -9.15 17.08
C THR B 305 13.82 -9.46 16.80
N TYR B 306 13.53 -9.84 15.57
CA TYR B 306 12.17 -10.30 15.20
C TYR B 306 11.97 -11.74 15.68
N ALA B 307 10.71 -12.13 15.92
CA ALA B 307 10.37 -13.55 16.07
C ALA B 307 10.73 -14.26 14.78
N GLY B 308 11.33 -15.44 14.91
CA GLY B 308 11.87 -16.14 13.75
C GLY B 308 10.79 -16.67 12.83
N ILE B 309 11.13 -16.79 11.56
CA ILE B 309 10.34 -17.49 10.58
C ILE B 309 11.04 -18.79 10.19
N ASP B 310 10.37 -19.93 10.26
CA ASP B 310 10.97 -21.20 9.80
C ASP B 310 10.31 -21.61 8.52
N CYS B 311 10.96 -21.29 7.38
CA CYS B 311 10.32 -21.49 6.06
C CYS B 311 10.11 -22.97 5.79
N SER B 312 10.97 -23.81 6.39
CA SER B 312 10.92 -25.24 6.17
C SER B 312 9.72 -25.89 6.88
N ALA B 313 9.26 -25.27 7.98
CA ALA B 313 8.02 -25.68 8.63
C ALA B 313 6.78 -25.32 7.80
N GLU B 314 6.93 -24.47 6.80
CA GLU B 314 5.80 -23.83 6.13
C GLU B 314 5.63 -24.23 4.63
N GLU B 315 6.76 -24.49 3.96
CA GLU B 315 6.87 -24.63 2.50
C GLU B 315 7.56 -25.96 2.17
S SO4 C . -2.15 27.42 -26.87
O1 SO4 C . -1.11 28.22 -26.16
O2 SO4 C . -2.40 28.04 -28.18
O3 SO4 C . -1.64 26.04 -27.01
O4 SO4 C . -3.40 27.31 -26.04
S SO4 D . 2.99 11.86 10.82
O1 SO4 D . 3.94 11.29 11.79
O2 SO4 D . 3.64 13.02 10.16
O3 SO4 D . 2.63 10.82 9.81
O4 SO4 D . 1.76 12.31 11.53
C1 919 E . 16.75 12.15 -16.67
C2 919 E . 18.01 12.62 -17.07
C3 919 E . 18.35 12.61 -18.42
C4 919 E . 17.46 12.13 -19.37
C5 919 E . 16.20 11.67 -18.97
C6 919 E . 15.85 11.68 -17.61
C9 919 E . 16.96 11.68 -21.63
N10 919 E . 17.82 12.12 -20.68
C13 919 E . 15.31 11.21 -19.93
C14 919 E . 15.70 11.20 -21.28
C22 919 E . 10.13 3.20 -10.94
N23 919 E . 8.86 2.75 -10.92
C24 919 E . 8.13 2.70 -12.07
C25 919 E . 8.66 3.16 -13.27
C26 919 E . 9.95 3.66 -13.31
C27 919 E . 10.69 3.67 -12.13
C34 919 E . 12.37 7.23 -13.96
C35 919 E . 11.39 6.24 -13.82
C36 919 E . 11.40 5.09 -14.62
C37 919 E . 12.39 4.95 -15.56
C38 919 E . 13.36 5.93 -15.71
C39 919 E . 13.38 7.08 -14.92
C46 919 E . 16.28 12.95 -13.29
C47 919 E . 15.68 11.69 -13.34
C48 919 E . 15.78 11.22 -14.66
N49 919 E . 16.44 12.18 -15.36
N50 919 E . 16.73 13.21 -14.52
N56 919 E . 15.35 10.04 -15.18
C58 919 E . 14.44 9.24 -14.60
N60 919 E . 14.38 7.99 -15.13
O63 919 E . 13.73 9.62 -13.67
O65 919 E . 10.45 4.10 -14.52
F68 919 E . 14.31 5.76 -16.64
C70 919 E . 6.73 2.18 -12.08
O72 919 E . 6.20 2.03 -13.18
N74 919 E . 6.11 1.96 -10.93
C76 919 E . 4.76 1.45 -10.89
C79 919 E . 16.43 13.85 -12.09
C81 919 E . 15.07 14.25 -11.55
C83 919 E . 17.21 13.07 -11.03
C85 919 E . 17.22 15.10 -12.48
S SO4 F . -17.65 -3.43 17.24
O1 SO4 F . -16.15 -3.45 17.05
O2 SO4 F . -18.07 -2.05 16.89
O3 SO4 F . -18.35 -4.44 16.35
O4 SO4 F . -18.04 -3.71 18.65
S SO4 G . -7.42 4.87 15.52
O1 SO4 G . -8.04 6.19 15.21
O2 SO4 G . -6.15 5.11 16.22
O3 SO4 G . -7.18 4.14 14.24
O4 SO4 G . -8.33 4.05 16.36
C1 919 H . -14.61 -22.03 1.95
C2 919 H . -15.78 -22.78 2.04
C3 919 H . -15.88 -24.03 1.44
C4 919 H . -14.79 -24.53 0.74
C5 919 H . -13.62 -23.78 0.63
C6 919 H . -13.53 -22.53 1.23
C9 919 H . -13.84 -26.26 -0.55
N10 919 H . -14.88 -25.74 0.14
C13 919 H . -12.55 -24.28 -0.08
C14 919 H . -12.66 -25.54 -0.68
C22 919 H . -8.93 -11.92 -2.48
N23 919 H . -7.71 -11.45 -2.83
C24 919 H . -6.77 -12.28 -3.32
C25 919 H . -7.03 -13.63 -3.50
C26 919 H . -8.28 -14.13 -3.15
C27 919 H . -9.23 -13.27 -2.65
C34 919 H . -10.72 -16.80 -0.70
C35 919 H . -9.74 -16.04 -1.34
C36 919 H . -9.50 -16.17 -2.70
C37 919 H . -10.24 -17.09 -3.44
C38 919 H . -11.22 -17.85 -2.80
C39 919 H . -11.48 -17.71 -1.44
C46 919 H . -14.99 -19.25 4.02
C47 919 H . -14.37 -18.65 2.92
C48 919 H . -14.13 -19.66 1.99
N49 919 H . -14.60 -20.82 2.52
N50 919 H . -15.14 -20.56 3.74
N56 919 H . -13.56 -19.56 0.77
C58 919 H . -12.74 -18.56 0.42
N60 919 H . -12.47 -18.48 -0.90
O63 919 H . -12.27 -17.81 1.24
O65 919 H . -8.51 -15.46 -3.33
F68 919 H . -11.94 -18.72 -3.51
C70 919 H . -5.42 -11.76 -3.72
O72 919 H . -4.65 -12.53 -4.27
N74 919 H . -5.06 -10.52 -3.39
C76 919 H . -3.77 -9.96 -3.77
C79 919 H . -15.48 -18.60 5.28
C81 919 H . -14.39 -17.72 5.86
C83 919 H . -16.70 -17.76 4.93
C85 919 H . -15.91 -19.68 6.29
#